data_3A26
#
_entry.id   3A26
#
_cell.length_a   132.571
_cell.length_b   132.571
_cell.length_c   96.669
_cell.angle_alpha   90.00
_cell.angle_beta   90.00
_cell.angle_gamma   120.00
#
_symmetry.space_group_name_H-M   'H 3'
#
loop_
_entity.id
_entity.type
_entity.pdbx_description
1 polymer 'Uncharacterized protein PH0793'
2 non-polymer "5'-DEOXY-5'-METHYLTHIOADENOSINE"
3 non-polymer 'TETRAETHYLENE GLYCOL'
4 water water
#
_entity_poly.entity_id   1
_entity_poly.type   'polypeptide(L)'
_entity_poly.pdbx_seq_one_letter_code
;MGSSHHHHHHSSGLEVLFQGPLHMRTQGIKPRIREILSKELPEELVKLLPKRWVRIGDVLLLPLRPELEPYKHRIAEVYA
EVLGVKTVLRKGHIHGETRKPDYELLYGSDTVTVHVENGIKYKLDVAKIMFSPANVKERVRMAKVAKPDELVVDMFAGIG
HLSLPIAVYGKAKVIAIEKDPYTFKFLVENIHLNKVEDRMSAYNMDNRDFPGENIADRILMGYVVRTHEFIPKALSIAKD
GAIIHYHNTVPEKLMPREPFETFKRITKEYGYDVEKLNELKIKRYAPGVWHVVLDLRVFKS
;
_entity_poly.pdbx_strand_id   A
#
# COMPACT_ATOMS: atom_id res chain seq x y z
N ILE A 29 -19.00 15.97 -11.98
CA ILE A 29 -19.63 17.07 -12.82
C ILE A 29 -20.73 17.65 -11.89
N LYS A 30 -20.47 18.78 -11.23
CA LYS A 30 -21.45 19.30 -10.29
C LYS A 30 -22.82 19.44 -10.96
N PRO A 31 -22.86 20.09 -12.12
CA PRO A 31 -24.16 20.50 -12.67
C PRO A 31 -25.11 19.31 -12.70
N ARG A 32 -24.66 18.17 -13.25
CA ARG A 32 -25.58 17.06 -13.42
C ARG A 32 -26.03 16.47 -12.08
N ILE A 33 -25.07 16.31 -11.17
CA ILE A 33 -25.37 15.81 -9.83
C ILE A 33 -26.36 16.76 -9.14
N ARG A 34 -26.09 18.05 -9.28
CA ARG A 34 -26.95 19.08 -8.74
C ARG A 34 -28.34 19.06 -9.37
N GLU A 35 -28.40 19.01 -10.69
CA GLU A 35 -29.67 18.94 -11.40
C GLU A 35 -30.55 17.78 -10.89
N ILE A 36 -29.98 16.57 -10.82
CA ILE A 36 -30.74 15.43 -10.34
C ILE A 36 -31.15 15.53 -8.85
N LEU A 37 -30.19 15.82 -7.98
CA LEU A 37 -30.44 15.69 -6.54
C LEU A 37 -31.23 16.85 -5.95
N SER A 38 -31.10 18.03 -6.56
CA SER A 38 -31.84 19.20 -6.12
C SER A 38 -33.33 18.94 -6.18
N LYS A 39 -33.70 17.92 -6.94
CA LYS A 39 -35.09 17.59 -7.17
C LYS A 39 -35.64 16.80 -5.98
N GLU A 40 -34.76 16.42 -5.06
CA GLU A 40 -35.16 15.57 -3.96
C GLU A 40 -34.60 16.06 -2.65
N LEU A 41 -33.61 16.95 -2.72
CA LEU A 41 -32.99 17.45 -1.49
C LEU A 41 -33.28 18.91 -1.23
N PRO A 42 -33.52 19.25 0.04
CA PRO A 42 -33.53 20.66 0.45
C PRO A 42 -32.26 21.33 -0.07
N GLU A 43 -32.40 22.53 -0.65
CA GLU A 43 -31.24 23.24 -1.18
C GLU A 43 -30.12 23.39 -0.14
N GLU A 44 -30.51 23.34 1.14
CA GLU A 44 -29.54 23.45 2.22
C GLU A 44 -28.61 22.24 2.23
N LEU A 45 -29.19 21.05 2.07
CA LEU A 45 -28.40 19.83 2.02
C LEU A 45 -27.64 19.73 0.70
N VAL A 46 -28.23 20.26 -0.35
CA VAL A 46 -27.61 20.23 -1.67
C VAL A 46 -26.19 20.81 -1.59
N LYS A 47 -26.09 22.01 -1.03
CA LYS A 47 -24.78 22.66 -0.87
C LYS A 47 -23.72 21.76 -0.21
N LEU A 48 -24.14 20.80 0.60
CA LEU A 48 -23.18 19.94 1.32
C LEU A 48 -22.70 18.69 0.56
N LEU A 49 -23.15 18.47 -0.67
CA LEU A 49 -22.77 17.25 -1.37
C LEU A 49 -21.26 17.14 -1.58
N PRO A 50 -20.73 15.91 -1.58
CA PRO A 50 -19.32 15.60 -1.83
C PRO A 50 -18.69 16.39 -2.99
N LYS A 51 -17.61 17.11 -2.69
CA LYS A 51 -16.89 17.87 -3.70
C LYS A 51 -15.73 17.05 -4.27
N ARG A 52 -15.27 16.06 -3.53
CA ARG A 52 -14.20 15.19 -4.00
C ARG A 52 -14.44 13.72 -3.65
N TRP A 53 -13.63 12.85 -4.23
CA TRP A 53 -13.76 11.42 -4.01
C TRP A 53 -12.49 10.75 -4.49
N VAL A 54 -12.33 9.48 -4.16
CA VAL A 54 -11.21 8.69 -4.65
C VAL A 54 -11.72 7.55 -5.50
N ARG A 55 -10.99 7.25 -6.55
CA ARG A 55 -11.42 6.24 -7.50
C ARG A 55 -10.36 5.15 -7.65
N ILE A 56 -10.77 3.91 -7.50
CA ILE A 56 -9.84 2.81 -7.60
C ILE A 56 -10.46 1.76 -8.50
N GLY A 57 -9.89 1.58 -9.69
CA GLY A 57 -10.51 0.74 -10.70
C GLY A 57 -11.86 1.37 -10.95
N ASP A 58 -12.93 0.59 -10.89
CA ASP A 58 -14.28 1.13 -11.07
C ASP A 58 -14.97 1.27 -9.73
N VAL A 59 -14.21 1.20 -8.65
CA VAL A 59 -14.80 1.43 -7.35
C VAL A 59 -14.52 2.86 -6.87
N LEU A 60 -15.57 3.48 -6.34
CA LEU A 60 -15.49 4.85 -5.83
C LEU A 60 -15.44 4.84 -4.30
N LEU A 61 -14.56 5.68 -3.77
CA LEU A 61 -14.51 5.97 -2.33
C LEU A 61 -15.12 7.36 -2.13
N LEU A 62 -16.22 7.45 -1.39
CA LEU A 62 -16.93 8.70 -1.33
C LEU A 62 -17.17 9.11 0.09
N PRO A 63 -16.68 10.30 0.46
CA PRO A 63 -16.83 10.89 1.79
C PRO A 63 -18.18 11.57 1.93
N LEU A 64 -18.79 11.55 3.11
CA LEU A 64 -20.13 12.09 3.28
C LEU A 64 -20.32 12.78 4.63
N ARG A 65 -20.90 13.97 4.62
CA ARG A 65 -21.18 14.69 5.87
C ARG A 65 -22.29 14.01 6.67
N PRO A 66 -22.29 14.23 7.99
CA PRO A 66 -23.31 13.60 8.86
C PRO A 66 -24.73 13.91 8.40
N GLU A 67 -25.02 15.17 8.10
CA GLU A 67 -26.38 15.55 7.83
C GLU A 67 -26.94 14.96 6.54
N LEU A 68 -26.14 14.18 5.83
CA LEU A 68 -26.61 13.57 4.59
C LEU A 68 -26.95 12.10 4.80
N GLU A 69 -26.64 11.57 5.98
CA GLU A 69 -26.89 10.15 6.31
C GLU A 69 -28.23 9.59 5.84
N PRO A 70 -29.33 10.31 6.08
CA PRO A 70 -30.64 9.80 5.69
C PRO A 70 -30.70 9.48 4.20
N TYR A 71 -29.87 10.15 3.40
CA TYR A 71 -29.98 10.07 1.95
C TYR A 71 -28.81 9.35 1.34
N LYS A 72 -27.99 8.73 2.17
CA LYS A 72 -26.72 8.18 1.69
C LYS A 72 -26.85 7.29 0.45
N HIS A 73 -27.84 6.40 0.45
CA HIS A 73 -27.95 5.44 -0.62
C HIS A 73 -28.23 6.16 -1.95
N ARG A 74 -29.26 7.01 -1.95
CA ARG A 74 -29.64 7.72 -3.14
C ARG A 74 -28.45 8.56 -3.65
N ILE A 75 -27.70 9.14 -2.72
CA ILE A 75 -26.59 10.02 -3.12
C ILE A 75 -25.50 9.21 -3.82
N ALA A 76 -25.08 8.13 -3.16
CA ALA A 76 -24.09 7.23 -3.73
C ALA A 76 -24.54 6.74 -5.11
N GLU A 77 -25.85 6.55 -5.23
CA GLU A 77 -26.42 6.08 -6.48
C GLU A 77 -26.26 7.07 -7.65
N VAL A 78 -26.59 8.33 -7.43
CA VAL A 78 -26.40 9.26 -8.53
C VAL A 78 -24.92 9.55 -8.82
N TYR A 79 -24.08 9.57 -7.80
CA TYR A 79 -22.64 9.74 -8.04
C TYR A 79 -22.08 8.55 -8.82
N ALA A 80 -22.56 7.37 -8.49
CA ALA A 80 -22.20 6.17 -9.25
C ALA A 80 -22.55 6.36 -10.72
N GLU A 81 -23.76 6.86 -10.97
CA GLU A 81 -24.20 7.05 -12.34
C GLU A 81 -23.32 8.05 -13.11
N VAL A 82 -23.14 9.24 -12.54
CA VAL A 82 -22.47 10.28 -13.30
C VAL A 82 -20.95 10.15 -13.29
N LEU A 83 -20.42 9.43 -12.31
CA LEU A 83 -18.97 9.23 -12.29
C LEU A 83 -18.59 7.96 -13.03
N GLY A 84 -19.57 7.11 -13.32
CA GLY A 84 -19.29 5.89 -14.05
C GLY A 84 -18.47 4.85 -13.32
N VAL A 85 -18.95 4.43 -12.15
CA VAL A 85 -18.34 3.37 -11.35
C VAL A 85 -19.40 2.34 -10.99
N LYS A 86 -18.99 1.11 -10.69
CA LYS A 86 -19.98 0.06 -10.37
C LYS A 86 -20.40 0.04 -8.91
N THR A 87 -19.53 0.51 -8.01
CA THR A 87 -19.77 0.44 -6.56
C THR A 87 -19.23 1.66 -5.82
N VAL A 88 -19.91 2.02 -4.74
CA VAL A 88 -19.50 3.17 -3.94
C VAL A 88 -19.33 2.75 -2.49
N LEU A 89 -18.13 2.94 -1.96
CA LEU A 89 -17.88 2.76 -0.53
C LEU A 89 -17.82 4.09 0.17
N ARG A 90 -18.20 4.11 1.45
CA ARG A 90 -17.98 5.31 2.24
C ARG A 90 -16.48 5.49 2.47
N LYS A 91 -15.98 6.68 2.15
CA LYS A 91 -14.56 6.98 2.26
C LYS A 91 -14.06 6.95 3.69
N GLY A 92 -14.75 7.66 4.57
CA GLY A 92 -14.38 7.70 5.99
C GLY A 92 -13.60 6.50 6.48
N ASP A 102 -12.97 -2.43 6.32
CA ASP A 102 -12.81 -1.03 6.68
C ASP A 102 -14.04 -0.16 6.32
N TYR A 103 -14.65 -0.43 5.16
CA TYR A 103 -15.56 0.53 4.51
C TYR A 103 -17.02 0.09 4.38
N GLU A 104 -17.93 1.06 4.53
CA GLU A 104 -19.36 0.79 4.42
C GLU A 104 -19.81 0.82 2.98
N LEU A 105 -20.55 -0.20 2.59
CA LEU A 105 -21.06 -0.29 1.22
C LEU A 105 -22.26 0.63 1.08
N LEU A 106 -22.15 1.63 0.22
CA LEU A 106 -23.22 2.62 0.06
C LEU A 106 -24.06 2.32 -1.18
N TYR A 107 -23.40 1.86 -2.23
CA TYR A 107 -24.12 1.47 -3.43
C TYR A 107 -23.36 0.46 -4.27
N GLY A 108 -24.06 -0.57 -4.76
CA GLY A 108 -23.44 -1.61 -5.57
C GLY A 108 -23.22 -2.88 -4.77
N SER A 109 -22.25 -3.69 -5.18
CA SER A 109 -22.04 -4.99 -4.55
C SER A 109 -20.64 -5.53 -4.85
N ASP A 110 -20.14 -5.28 -6.05
CA ASP A 110 -18.90 -5.90 -6.48
C ASP A 110 -17.70 -4.99 -6.15
N THR A 111 -16.95 -5.34 -5.11
CA THR A 111 -15.82 -4.52 -4.67
C THR A 111 -14.48 -4.99 -5.24
N VAL A 112 -14.50 -6.03 -6.07
CA VAL A 112 -13.29 -6.45 -6.75
C VAL A 112 -13.15 -5.58 -8.00
N THR A 113 -11.92 -5.26 -8.38
CA THR A 113 -11.65 -4.42 -9.54
C THR A 113 -10.16 -4.50 -9.87
N VAL A 114 -9.79 -3.96 -11.03
CA VAL A 114 -8.38 -3.87 -11.38
C VAL A 114 -8.04 -2.41 -11.51
N HIS A 115 -7.00 -2.00 -10.79
CA HIS A 115 -6.59 -0.61 -10.78
C HIS A 115 -5.27 -0.49 -11.51
N VAL A 116 -5.19 0.49 -12.40
CA VAL A 116 -3.99 0.63 -13.20
C VAL A 116 -3.24 1.86 -12.77
N GLU A 117 -1.97 1.70 -12.41
CA GLU A 117 -1.18 2.82 -11.91
C GLU A 117 0.22 2.75 -12.49
N ASN A 118 0.66 3.87 -13.07
CA ASN A 118 1.99 3.94 -13.64
C ASN A 118 2.32 2.68 -14.46
N GLY A 119 1.35 2.22 -15.23
CA GLY A 119 1.59 1.12 -16.14
C GLY A 119 1.46 -0.26 -15.50
N ILE A 120 0.99 -0.30 -14.27
CA ILE A 120 0.89 -1.59 -13.59
C ILE A 120 -0.55 -1.92 -13.27
N LYS A 121 -0.91 -3.18 -13.51
CA LYS A 121 -2.24 -3.65 -13.21
C LYS A 121 -2.29 -4.27 -11.83
N TYR A 122 -3.10 -3.68 -10.96
CA TYR A 122 -3.28 -4.16 -9.59
C TYR A 122 -4.70 -4.65 -9.35
N LYS A 123 -4.94 -5.95 -9.47
CA LYS A 123 -6.24 -6.48 -9.06
C LYS A 123 -6.31 -6.48 -7.53
N LEU A 124 -7.45 -6.11 -6.97
CA LEU A 124 -7.66 -6.15 -5.52
C LEU A 124 -9.15 -6.16 -5.17
N ASP A 125 -9.45 -6.49 -3.92
CA ASP A 125 -10.78 -6.30 -3.37
C ASP A 125 -10.77 -5.04 -2.52
N VAL A 126 -11.31 -3.96 -3.07
CA VAL A 126 -11.18 -2.65 -2.44
C VAL A 126 -11.72 -2.59 -1.01
N ALA A 127 -12.64 -3.47 -0.68
CA ALA A 127 -13.27 -3.42 0.64
C ALA A 127 -12.40 -4.08 1.69
N LYS A 128 -11.66 -5.12 1.28
CA LYS A 128 -10.94 -5.99 2.20
C LYS A 128 -9.43 -5.75 2.23
N ILE A 129 -8.93 -4.98 1.27
CA ILE A 129 -7.50 -4.84 1.11
C ILE A 129 -7.17 -3.37 0.98
N MET A 130 -6.35 -2.88 1.89
CA MET A 130 -5.91 -1.49 1.84
C MET A 130 -5.05 -1.22 0.60
N PHE A 131 -5.36 -0.11 -0.06
CA PHE A 131 -4.55 0.38 -1.17
C PHE A 131 -4.95 1.84 -1.38
N SER A 132 -3.96 2.71 -1.50
CA SER A 132 -4.27 4.13 -1.55
C SER A 132 -3.23 4.87 -2.38
N PRO A 133 -3.70 5.67 -3.34
CA PRO A 133 -2.83 6.64 -4.01
C PRO A 133 -2.27 7.68 -3.02
N ALA A 134 -2.66 7.54 -1.75
CA ALA A 134 -1.99 8.30 -0.69
C ALA A 134 -0.51 7.92 -0.63
N ASN A 135 -0.17 6.79 -1.27
CA ASN A 135 1.19 6.26 -1.26
C ASN A 135 1.74 6.02 -2.65
N VAL A 136 1.12 6.62 -3.67
CA VAL A 136 1.55 6.38 -5.06
C VAL A 136 3.01 6.78 -5.33
N LYS A 137 3.47 7.82 -4.67
CA LYS A 137 4.84 8.28 -4.86
C LYS A 137 5.82 7.14 -4.59
N GLU A 138 5.64 6.51 -3.44
CA GLU A 138 6.50 5.43 -3.01
C GLU A 138 6.51 4.26 -4.02
N ARG A 139 5.35 3.92 -4.55
CA ARG A 139 5.25 2.85 -5.54
C ARG A 139 5.98 3.24 -6.82
N VAL A 140 5.97 4.53 -7.12
CA VAL A 140 6.71 5.07 -8.24
C VAL A 140 8.22 4.95 -7.97
N ARG A 141 8.65 5.47 -6.82
CA ARG A 141 10.04 5.30 -6.38
C ARG A 141 10.58 3.89 -6.56
N MET A 142 9.81 2.89 -6.13
CA MET A 142 10.25 1.50 -6.20
C MET A 142 10.55 1.11 -7.63
N ALA A 143 9.92 1.80 -8.57
CA ALA A 143 10.12 1.55 -9.99
C ALA A 143 11.52 1.98 -10.43
N LYS A 144 12.17 2.80 -9.61
CA LYS A 144 13.46 3.39 -9.96
C LYS A 144 14.65 3.00 -9.08
N VAL A 145 14.54 1.92 -8.30
CA VAL A 145 15.63 1.58 -7.38
C VAL A 145 16.47 0.34 -7.70
N ALA A 146 15.86 -0.66 -8.32
CA ALA A 146 16.55 -1.96 -8.51
C ALA A 146 17.30 -2.13 -9.82
N LYS A 147 18.32 -3.00 -9.80
CA LYS A 147 19.06 -3.37 -10.98
C LYS A 147 18.72 -4.82 -11.31
N PRO A 148 18.66 -5.16 -12.60
CA PRO A 148 18.10 -6.45 -13.07
C PRO A 148 18.73 -7.69 -12.45
N ASP A 149 19.91 -7.54 -11.85
CA ASP A 149 20.62 -8.68 -11.26
C ASP A 149 20.06 -9.06 -9.88
N GLU A 150 19.67 -8.04 -9.12
CA GLU A 150 19.26 -8.18 -7.73
C GLU A 150 18.24 -9.28 -7.46
N LEU A 151 18.40 -9.93 -6.31
CA LEU A 151 17.31 -10.72 -5.73
C LEU A 151 16.66 -9.83 -4.69
N VAL A 152 15.35 -9.69 -4.79
CA VAL A 152 14.62 -8.84 -3.89
C VAL A 152 13.65 -9.70 -3.13
N VAL A 153 13.49 -9.41 -1.85
CA VAL A 153 12.52 -10.14 -1.05
C VAL A 153 11.54 -9.17 -0.43
N ASP A 154 10.26 -9.45 -0.65
CA ASP A 154 9.20 -8.60 -0.17
C ASP A 154 8.54 -9.30 1.00
N MET A 155 8.78 -8.79 2.19
CA MET A 155 8.34 -9.49 3.38
C MET A 155 6.86 -9.26 3.73
N PHE A 156 6.25 -8.27 3.09
CA PHE A 156 4.83 -7.99 3.33
C PHE A 156 4.15 -7.67 1.99
N ALA A 157 4.18 -8.63 1.08
CA ALA A 157 3.86 -8.38 -0.32
C ALA A 157 2.52 -7.71 -0.59
N GLY A 158 1.48 -8.11 0.15
CA GLY A 158 0.13 -7.65 -0.15
C GLY A 158 -0.28 -8.16 -1.53
N ILE A 159 -0.75 -7.26 -2.40
CA ILE A 159 -1.10 -7.66 -3.76
C ILE A 159 0.05 -7.38 -4.71
N GLY A 160 1.15 -6.87 -4.15
CA GLY A 160 2.32 -6.57 -4.96
C GLY A 160 2.62 -5.08 -4.97
N HIS A 161 1.97 -4.37 -4.05
CA HIS A 161 2.08 -2.91 -3.97
C HIS A 161 3.46 -2.42 -4.37
N LEU A 162 4.47 -2.91 -3.67
CA LEU A 162 5.83 -2.39 -3.79
C LEU A 162 6.70 -3.25 -4.68
N SER A 163 6.36 -4.53 -4.78
CA SER A 163 7.23 -5.46 -5.47
C SER A 163 7.01 -5.45 -6.99
N LEU A 164 5.74 -5.36 -7.40
CA LEU A 164 5.42 -5.33 -8.83
C LEU A 164 6.19 -4.24 -9.59
N PRO A 165 6.16 -2.99 -9.09
CA PRO A 165 6.92 -1.94 -9.78
C PRO A 165 8.36 -2.37 -10.01
N ILE A 166 8.96 -3.04 -9.02
CA ILE A 166 10.32 -3.56 -9.15
C ILE A 166 10.48 -4.64 -10.23
N ALA A 167 9.62 -5.65 -10.21
CA ALA A 167 9.71 -6.71 -11.21
C ALA A 167 9.47 -6.23 -12.64
N VAL A 168 8.80 -5.08 -12.79
CA VAL A 168 8.39 -4.61 -14.12
C VAL A 168 9.36 -3.57 -14.71
N TYR A 169 9.79 -2.63 -13.87
CA TYR A 169 10.70 -1.58 -14.31
C TYR A 169 12.15 -1.92 -13.97
N GLY A 170 12.38 -2.51 -12.80
CA GLY A 170 13.73 -2.90 -12.40
C GLY A 170 14.21 -4.13 -13.14
N LYS A 171 13.29 -5.04 -13.44
CA LYS A 171 13.62 -6.25 -14.19
C LYS A 171 14.41 -7.23 -13.34
N ALA A 172 14.49 -6.95 -12.04
CA ALA A 172 15.19 -7.83 -11.10
C ALA A 172 14.32 -9.03 -10.73
N LYS A 173 14.91 -10.00 -10.06
CA LYS A 173 14.14 -11.13 -9.54
C LYS A 173 13.48 -10.76 -8.20
N VAL A 174 12.36 -11.42 -7.90
CA VAL A 174 11.59 -11.08 -6.72
C VAL A 174 10.91 -12.30 -6.11
N ILE A 175 11.14 -12.49 -4.81
CA ILE A 175 10.37 -13.43 -4.03
C ILE A 175 9.43 -12.63 -3.14
N ALA A 176 8.15 -13.00 -3.17
CA ALA A 176 7.12 -12.21 -2.53
C ALA A 176 6.35 -13.05 -1.54
N ILE A 177 6.25 -12.57 -0.31
CA ILE A 177 5.63 -13.33 0.76
C ILE A 177 4.41 -12.59 1.29
N GLU A 178 3.29 -13.30 1.35
CA GLU A 178 2.06 -12.72 1.84
C GLU A 178 1.34 -13.74 2.73
N LYS A 179 1.04 -13.32 3.95
CA LYS A 179 0.44 -14.21 4.92
C LYS A 179 -1.03 -14.58 4.61
N ASP A 180 -1.85 -13.60 4.25
CA ASP A 180 -3.28 -13.86 4.05
C ASP A 180 -3.59 -14.55 2.73
N PRO A 181 -4.25 -15.72 2.80
CA PRO A 181 -4.56 -16.54 1.61
C PRO A 181 -5.42 -15.77 0.64
N TYR A 182 -6.37 -15.01 1.16
CA TYR A 182 -7.21 -14.19 0.30
C TYR A 182 -6.35 -13.17 -0.45
N THR A 183 -5.61 -12.34 0.29
CA THR A 183 -4.71 -11.38 -0.31
C THR A 183 -3.79 -12.09 -1.31
N PHE A 184 -3.36 -13.29 -0.91
CA PHE A 184 -2.42 -14.05 -1.70
C PHE A 184 -2.94 -14.32 -3.12
N LYS A 185 -4.23 -14.63 -3.24
CA LYS A 185 -4.82 -14.90 -4.54
C LYS A 185 -4.51 -13.76 -5.52
N PHE A 186 -4.74 -12.54 -5.06
CA PHE A 186 -4.55 -11.37 -5.92
C PHE A 186 -3.09 -11.19 -6.30
N LEU A 187 -2.21 -11.38 -5.31
CA LEU A 187 -0.78 -11.26 -5.52
C LEU A 187 -0.38 -12.14 -6.69
N VAL A 188 -0.86 -13.38 -6.64
CA VAL A 188 -0.61 -14.36 -7.68
C VAL A 188 -1.17 -13.90 -9.01
N GLU A 189 -2.44 -13.53 -9.00
CA GLU A 189 -3.11 -13.05 -10.20
C GLU A 189 -2.41 -11.84 -10.80
N ASN A 190 -1.96 -10.94 -9.94
CA ASN A 190 -1.28 -9.76 -10.42
C ASN A 190 0.04 -10.09 -11.10
N ILE A 191 0.64 -11.22 -10.71
CA ILE A 191 1.89 -11.63 -11.31
C ILE A 191 1.69 -11.96 -12.78
N HIS A 192 0.61 -12.69 -13.07
CA HIS A 192 0.22 -12.96 -14.45
C HIS A 192 -0.17 -11.67 -15.15
N LEU A 193 -1.15 -10.96 -14.60
CA LEU A 193 -1.64 -9.74 -15.19
C LEU A 193 -0.52 -8.83 -15.67
N ASN A 194 0.67 -8.97 -15.10
CA ASN A 194 1.79 -8.11 -15.49
C ASN A 194 2.89 -8.82 -16.28
N LYS A 195 2.67 -10.12 -16.55
CA LYS A 195 3.57 -10.89 -17.39
C LYS A 195 5.00 -10.96 -16.82
N VAL A 196 5.10 -11.24 -15.52
CA VAL A 196 6.40 -11.36 -14.88
C VAL A 196 6.56 -12.72 -14.20
N GLU A 197 5.58 -13.60 -14.36
CA GLU A 197 5.65 -14.91 -13.71
C GLU A 197 7.04 -15.54 -13.86
N ASP A 198 7.77 -15.11 -14.88
CA ASP A 198 9.15 -15.58 -15.06
C ASP A 198 10.05 -15.16 -13.91
N ARG A 199 10.08 -13.87 -13.59
CA ARG A 199 11.05 -13.34 -12.64
C ARG A 199 10.50 -13.05 -11.22
N MET A 200 9.29 -13.50 -10.92
CA MET A 200 8.69 -13.17 -9.64
C MET A 200 7.87 -14.33 -9.08
N SER A 201 8.25 -14.79 -7.89
CA SER A 201 7.57 -15.93 -7.26
C SER A 201 6.82 -15.47 -6.01
N ALA A 202 6.08 -16.39 -5.39
CA ALA A 202 5.15 -15.99 -4.34
C ALA A 202 4.83 -17.11 -3.38
N TYR A 203 4.86 -16.80 -2.09
CA TYR A 203 4.54 -17.77 -1.05
C TYR A 203 3.52 -17.25 -0.08
N ASN A 204 2.51 -18.08 0.17
CA ASN A 204 1.49 -17.75 1.15
C ASN A 204 1.91 -18.25 2.54
N MET A 205 2.73 -17.45 3.22
CA MET A 205 3.19 -17.84 4.55
C MET A 205 3.56 -16.61 5.35
N ASP A 206 3.78 -16.83 6.64
CA ASP A 206 4.34 -15.81 7.50
C ASP A 206 5.82 -15.66 7.13
N ASN A 207 6.27 -14.41 6.96
CA ASN A 207 7.65 -14.20 6.54
C ASN A 207 8.65 -14.83 7.53
N ARG A 208 8.26 -14.93 8.80
CA ARG A 208 9.15 -15.51 9.79
C ARG A 208 9.53 -16.95 9.41
N ASP A 209 8.59 -17.70 8.85
CA ASP A 209 8.85 -19.11 8.54
C ASP A 209 9.60 -19.27 7.21
N PHE A 210 10.09 -18.18 6.66
CA PHE A 210 10.73 -18.24 5.36
C PHE A 210 12.15 -18.81 5.44
N PRO A 211 12.40 -19.91 4.73
CA PRO A 211 13.64 -20.69 4.71
C PRO A 211 14.90 -19.94 4.29
N GLY A 212 14.83 -19.10 3.27
CA GLY A 212 16.02 -18.43 2.77
C GLY A 212 16.80 -17.66 3.82
N GLU A 213 18.12 -17.62 3.66
CA GLU A 213 18.95 -16.70 4.42
C GLU A 213 20.24 -16.36 3.68
N ASN A 214 20.74 -15.15 3.90
CA ASN A 214 21.80 -14.59 3.06
C ASN A 214 21.55 -14.74 1.57
N ILE A 215 20.34 -14.38 1.12
CA ILE A 215 20.01 -14.51 -0.30
C ILE A 215 19.54 -13.20 -0.91
N ALA A 216 19.16 -12.24 -0.07
CA ALA A 216 18.54 -11.00 -0.56
C ALA A 216 19.53 -9.88 -0.78
N ASP A 217 19.46 -9.28 -1.97
CA ASP A 217 20.21 -8.04 -2.25
C ASP A 217 19.38 -6.83 -1.83
N ARG A 218 18.06 -6.99 -1.82
CA ARG A 218 17.16 -5.93 -1.41
C ARG A 218 15.95 -6.48 -0.67
N ILE A 219 15.51 -5.77 0.37
CA ILE A 219 14.35 -6.24 1.13
C ILE A 219 13.28 -5.18 1.31
N LEU A 220 12.05 -5.59 1.04
CA LEU A 220 10.90 -4.72 1.23
C LEU A 220 10.21 -5.04 2.55
N MET A 221 10.09 -4.02 3.40
CA MET A 221 9.38 -4.13 4.67
C MET A 221 8.25 -3.10 4.73
N GLY A 222 7.30 -3.23 3.81
CA GLY A 222 6.14 -2.35 3.75
C GLY A 222 5.06 -2.80 4.71
N TYR A 223 5.25 -2.48 5.98
CA TYR A 223 4.31 -2.85 7.02
C TYR A 223 4.44 -1.74 8.04
N VAL A 224 3.42 -1.54 8.86
CA VAL A 224 3.45 -0.37 9.75
C VAL A 224 3.04 -0.65 11.18
N VAL A 225 2.70 -1.90 11.47
CA VAL A 225 2.39 -2.29 12.83
C VAL A 225 3.64 -2.79 13.55
N ARG A 226 4.38 -1.89 14.19
CA ARG A 226 5.60 -2.27 14.91
C ARG A 226 6.47 -3.22 14.08
N THR A 227 6.74 -2.80 12.86
CA THR A 227 7.59 -3.49 11.90
C THR A 227 8.96 -3.87 12.50
N HIS A 228 9.36 -3.17 13.55
CA HIS A 228 10.68 -3.40 14.13
C HIS A 228 10.85 -4.84 14.66
N GLU A 229 9.75 -5.47 15.08
CA GLU A 229 9.79 -6.87 15.49
C GLU A 229 10.13 -7.84 14.36
N PHE A 230 10.33 -7.33 13.15
CA PHE A 230 10.64 -8.19 12.00
C PHE A 230 12.07 -7.92 11.52
N ILE A 231 12.72 -6.97 12.18
CA ILE A 231 14.09 -6.63 11.83
C ILE A 231 15.02 -7.86 11.89
N PRO A 232 14.86 -8.68 12.93
CA PRO A 232 15.80 -9.81 12.99
C PRO A 232 15.66 -10.71 11.76
N LYS A 233 14.45 -11.18 11.45
CA LYS A 233 14.28 -12.04 10.28
C LYS A 233 14.85 -11.33 9.05
N ALA A 234 14.60 -10.03 8.96
CA ALA A 234 15.11 -9.27 7.83
C ALA A 234 16.63 -9.41 7.75
N LEU A 235 17.32 -9.12 8.86
CA LEU A 235 18.77 -9.21 8.89
C LEU A 235 19.23 -10.61 8.49
N SER A 236 18.45 -11.62 8.87
CA SER A 236 18.78 -12.99 8.51
C SER A 236 18.64 -13.23 7.01
N ILE A 237 17.57 -12.72 6.40
CA ILE A 237 17.31 -12.90 4.98
C ILE A 237 18.32 -12.13 4.15
N ALA A 238 18.72 -10.98 4.68
CA ALA A 238 19.66 -10.09 4.01
C ALA A 238 21.03 -10.72 3.77
N LYS A 239 21.66 -10.32 2.68
CA LYS A 239 23.06 -10.63 2.45
C LYS A 239 23.84 -9.45 3.00
N ASP A 240 25.15 -9.60 3.12
CA ASP A 240 25.95 -8.48 3.58
C ASP A 240 25.91 -7.34 2.57
N GLY A 241 25.49 -6.17 3.02
CA GLY A 241 25.46 -5.00 2.17
C GLY A 241 24.11 -4.72 1.54
N ALA A 242 23.19 -5.68 1.68
CA ALA A 242 21.83 -5.54 1.15
C ALA A 242 21.20 -4.21 1.54
N ILE A 243 20.27 -3.72 0.71
CA ILE A 243 19.47 -2.55 1.08
C ILE A 243 18.10 -2.96 1.57
N ILE A 244 17.67 -2.34 2.67
CA ILE A 244 16.35 -2.59 3.21
C ILE A 244 15.46 -1.35 3.17
N HIS A 245 14.31 -1.48 2.53
CA HIS A 245 13.30 -0.43 2.62
C HIS A 245 12.41 -0.74 3.83
N TYR A 246 12.58 0.07 4.88
CA TYR A 246 11.99 -0.18 6.17
C TYR A 246 10.91 0.84 6.48
N HIS A 247 9.65 0.41 6.44
CA HIS A 247 8.53 1.29 6.76
C HIS A 247 8.17 1.10 8.23
N ASN A 248 7.62 2.15 8.83
CA ASN A 248 7.02 2.05 10.15
C ASN A 248 6.34 3.36 10.51
N THR A 249 5.71 3.39 11.68
CA THR A 249 5.00 4.57 12.13
C THR A 249 5.55 5.11 13.45
N VAL A 250 6.19 6.27 13.38
CA VAL A 250 6.83 6.86 14.55
C VAL A 250 6.16 8.18 14.94
N PRO A 251 5.94 8.40 16.25
CA PRO A 251 5.48 9.70 16.72
C PRO A 251 6.48 10.79 16.35
N GLU A 252 6.01 11.95 15.90
CA GLU A 252 6.95 12.99 15.52
C GLU A 252 7.73 13.52 16.72
N LYS A 253 7.17 13.32 17.92
CA LYS A 253 7.89 13.65 19.15
C LYS A 253 9.32 13.09 19.08
N LEU A 254 9.41 11.86 18.61
CA LEU A 254 10.66 11.10 18.69
C LEU A 254 11.51 11.24 17.45
N MET A 255 11.05 12.05 16.51
CA MET A 255 11.77 12.24 15.26
C MET A 255 12.74 13.38 15.38
N PRO A 256 13.84 13.35 14.62
CA PRO A 256 14.22 12.28 13.69
C PRO A 256 15.14 11.24 14.33
N ARG A 257 15.14 11.17 15.65
CA ARG A 257 15.94 10.16 16.33
C ARG A 257 15.44 8.80 15.87
N GLU A 258 14.16 8.56 16.15
CA GLU A 258 13.46 7.40 15.63
C GLU A 258 13.00 7.63 14.19
N PRO A 259 12.69 6.53 13.47
CA PRO A 259 12.68 5.17 14.01
C PRO A 259 14.07 4.55 13.96
N PHE A 260 15.04 5.31 13.45
CA PHE A 260 16.36 4.78 13.18
C PHE A 260 17.08 4.23 14.42
N GLU A 261 17.06 4.97 15.51
CA GLU A 261 17.75 4.55 16.73
C GLU A 261 17.38 3.10 17.01
N THR A 262 16.09 2.85 17.13
CA THR A 262 15.58 1.54 17.44
C THR A 262 16.04 0.50 16.42
N PHE A 263 16.03 0.88 15.15
CA PHE A 263 16.52 -0.04 14.13
C PHE A 263 17.99 -0.35 14.43
N LYS A 264 18.74 0.69 14.76
CA LYS A 264 20.18 0.61 15.02
C LYS A 264 20.50 -0.36 16.16
N ARG A 265 19.72 -0.26 17.24
CA ARG A 265 19.96 -1.02 18.46
C ARG A 265 19.58 -2.48 18.34
N ILE A 266 18.48 -2.73 17.64
CA ILE A 266 18.08 -4.09 17.41
C ILE A 266 19.17 -4.76 16.57
N THR A 267 19.69 -4.03 15.59
CA THR A 267 20.71 -4.56 14.71
C THR A 267 21.99 -4.88 15.50
N LYS A 268 22.28 -4.02 16.46
CA LYS A 268 23.42 -4.21 17.34
C LYS A 268 23.31 -5.56 18.04
N GLU A 269 22.09 -5.91 18.48
CA GLU A 269 21.89 -7.19 19.15
C GLU A 269 22.42 -8.35 18.33
N TYR A 270 22.80 -8.08 17.09
CA TYR A 270 23.24 -9.16 16.22
C TYR A 270 24.67 -8.97 15.74
N GLY A 271 25.30 -7.92 16.26
CA GLY A 271 26.68 -7.63 15.93
C GLY A 271 26.82 -7.05 14.54
N TYR A 272 25.69 -6.70 13.94
CA TYR A 272 25.69 -6.16 12.59
C TYR A 272 25.65 -4.64 12.62
N ASP A 273 26.03 -4.02 11.51
CA ASP A 273 25.93 -2.57 11.41
C ASP A 273 25.06 -2.08 10.25
N VAL A 274 24.55 -0.87 10.39
CA VAL A 274 23.56 -0.36 9.45
C VAL A 274 23.75 1.13 9.16
N GLU A 275 23.78 1.50 7.88
CA GLU A 275 23.82 2.91 7.51
C GLU A 275 22.50 3.43 6.92
N LYS A 276 22.09 4.59 7.43
CA LYS A 276 20.87 5.26 6.99
C LYS A 276 21.10 6.09 5.72
N LEU A 277 20.64 5.57 4.60
CA LEU A 277 20.83 6.21 3.31
C LEU A 277 19.79 7.31 3.09
N ASN A 278 18.56 7.06 3.50
CA ASN A 278 17.48 7.99 3.19
C ASN A 278 16.29 7.86 4.12
N GLU A 279 15.69 8.98 4.51
CA GLU A 279 14.45 8.93 5.26
C GLU A 279 13.36 9.81 4.61
N LEU A 280 12.38 9.19 3.95
CA LEU A 280 11.22 9.91 3.42
C LEU A 280 10.00 9.83 4.33
N LYS A 281 9.26 10.92 4.44
CA LYS A 281 7.98 10.93 5.14
C LYS A 281 6.90 10.51 4.15
N ILE A 282 5.84 9.88 4.64
CA ILE A 282 4.81 9.36 3.73
C ILE A 282 3.40 9.79 4.18
N LYS A 283 2.46 8.85 4.25
CA LYS A 283 1.09 9.20 4.63
C LYS A 283 1.08 9.60 6.09
N ARG A 284 1.86 10.62 6.42
CA ARG A 284 1.78 11.17 7.75
C ARG A 284 0.34 11.18 8.12
N TYR A 285 0.01 10.56 9.25
CA TYR A 285 -1.36 10.63 9.69
C TYR A 285 -1.47 10.76 11.19
N ALA A 286 -2.50 11.49 11.63
CA ALA A 286 -2.77 11.66 13.04
C ALA A 286 -2.94 10.33 13.79
N PRO A 287 -3.07 10.40 15.12
CA PRO A 287 -2.69 11.68 15.75
C PRO A 287 -1.25 11.67 16.20
N GLY A 288 -0.43 12.52 15.59
CA GLY A 288 0.93 12.75 16.04
C GLY A 288 1.97 11.76 15.57
N VAL A 289 1.60 10.90 14.62
CA VAL A 289 2.51 9.87 14.14
C VAL A 289 2.61 9.85 12.60
N TRP A 290 3.80 10.05 12.06
CA TRP A 290 4.02 9.85 10.63
C TRP A 290 4.06 8.36 10.27
N HIS A 291 4.08 8.10 8.98
CA HIS A 291 4.39 6.78 8.43
C HIS A 291 5.60 7.08 7.57
N VAL A 292 6.76 6.60 7.96
CA VAL A 292 7.97 6.91 7.21
C VAL A 292 8.57 5.67 6.59
N VAL A 293 9.49 5.90 5.66
CA VAL A 293 10.30 4.82 5.11
C VAL A 293 11.78 5.22 5.14
N LEU A 294 12.62 4.33 5.68
CA LEU A 294 14.05 4.53 5.73
C LEU A 294 14.73 3.54 4.81
N ASP A 295 15.68 4.04 4.04
CA ASP A 295 16.47 3.16 3.18
C ASP A 295 17.79 2.94 3.88
N LEU A 296 18.07 1.68 4.17
CA LEU A 296 19.19 1.34 5.02
C LEU A 296 20.02 0.27 4.37
N ARG A 297 21.32 0.34 4.61
CA ARG A 297 22.19 -0.75 4.20
C ARG A 297 22.72 -1.47 5.43
N VAL A 298 22.74 -2.79 5.37
CA VAL A 298 23.17 -3.56 6.50
C VAL A 298 24.48 -4.26 6.17
N PHE A 299 25.33 -4.35 7.19
CA PHE A 299 26.62 -5.03 7.06
C PHE A 299 26.72 -6.13 8.10
N LYS A 300 26.89 -7.36 7.61
CA LYS A 300 26.95 -8.52 8.47
C LYS A 300 28.30 -8.63 9.18
N SER A 301 28.87 -7.47 9.52
CA SER A 301 29.97 -7.35 10.48
C SER A 301 30.27 -5.88 10.80
#